data_2GJB
# 
_entry.id   2GJB 
# 
_audit_conform.dict_name       mmcif_pdbx.dic 
_audit_conform.dict_version    5.389 
_audit_conform.dict_location   http://mmcif.pdb.org/dictionaries/ascii/mmcif_pdbx.dic 
# 
loop_
_database_2.database_id 
_database_2.database_code 
_database_2.pdbx_database_accession 
_database_2.pdbx_DOI 
PDB   2GJB         pdb_00002gjb 10.2210/pdb2gjb/pdb 
NDB   DD0079       ?            ?                   
RCSB  RCSB037188   ?            ?                   
WWPDB D_1000037188 ?            ?                   
# 
loop_
_pdbx_audit_revision_history.ordinal 
_pdbx_audit_revision_history.data_content_type 
_pdbx_audit_revision_history.major_revision 
_pdbx_audit_revision_history.minor_revision 
_pdbx_audit_revision_history.revision_date 
1 'Structure model' 1 0 2007-04-10 
2 'Structure model' 1 1 2008-05-01 
3 'Structure model' 1 2 2011-07-13 
4 'Structure model' 1 3 2017-10-18 
5 'Structure model' 1 4 2024-02-14 
6 'Structure model' 1 5 2024-04-03 
# 
_pdbx_audit_revision_details.ordinal             1 
_pdbx_audit_revision_details.revision_ordinal    1 
_pdbx_audit_revision_details.data_content_type   'Structure model' 
_pdbx_audit_revision_details.provider            repository 
_pdbx_audit_revision_details.type                'Initial release' 
_pdbx_audit_revision_details.description         ? 
_pdbx_audit_revision_details.details             ? 
# 
loop_
_pdbx_audit_revision_group.ordinal 
_pdbx_audit_revision_group.revision_ordinal 
_pdbx_audit_revision_group.data_content_type 
_pdbx_audit_revision_group.group 
1 2 'Structure model' 'Version format compliance' 
2 3 'Structure model' 'Version format compliance' 
3 4 'Structure model' Advisory                    
4 4 'Structure model' 'Refinement description'    
5 5 'Structure model' 'Data collection'           
6 5 'Structure model' 'Database references'       
7 5 'Structure model' 'Derived calculations'      
8 5 'Structure model' 'Structure summary'         
9 6 'Structure model' 'Refinement description'    
# 
loop_
_pdbx_audit_revision_category.ordinal 
_pdbx_audit_revision_category.revision_ordinal 
_pdbx_audit_revision_category.data_content_type 
_pdbx_audit_revision_category.category 
1  4 'Structure model' pdbx_unobs_or_zero_occ_atoms  
2  4 'Structure model' software                      
3  5 'Structure model' chem_comp                     
4  5 'Structure model' chem_comp_atom                
5  5 'Structure model' chem_comp_bond                
6  5 'Structure model' database_2                    
7  5 'Structure model' diffrn_source                 
8  5 'Structure model' struct_conn                   
9  5 'Structure model' struct_site                   
10 6 'Structure model' pdbx_initial_refinement_model 
# 
loop_
_pdbx_audit_revision_item.ordinal 
_pdbx_audit_revision_item.revision_ordinal 
_pdbx_audit_revision_item.data_content_type 
_pdbx_audit_revision_item.item 
1  4 'Structure model' '_software.classification'             
2  4 'Structure model' '_software.name'                       
3  5 'Structure model' '_chem_comp.pdbx_synonyms'             
4  5 'Structure model' '_database_2.pdbx_DOI'                 
5  5 'Structure model' '_database_2.pdbx_database_accession'  
6  5 'Structure model' '_diffrn_source.pdbx_synchrotron_site' 
7  5 'Structure model' '_struct_conn.pdbx_leaving_atom_flag'  
8  5 'Structure model' '_struct_conn.ptnr1_auth_comp_id'      
9  5 'Structure model' '_struct_conn.ptnr1_auth_seq_id'       
10 5 'Structure model' '_struct_conn.ptnr1_label_asym_id'     
11 5 'Structure model' '_struct_conn.ptnr1_label_atom_id'     
12 5 'Structure model' '_struct_conn.ptnr1_label_comp_id'     
13 5 'Structure model' '_struct_conn.ptnr1_label_seq_id'      
14 5 'Structure model' '_struct_conn.ptnr1_symmetry'          
15 5 'Structure model' '_struct_conn.ptnr2_auth_comp_id'      
16 5 'Structure model' '_struct_conn.ptnr2_auth_seq_id'       
17 5 'Structure model' '_struct_conn.ptnr2_label_asym_id'     
18 5 'Structure model' '_struct_conn.ptnr2_label_atom_id'     
19 5 'Structure model' '_struct_conn.ptnr2_label_comp_id'     
20 5 'Structure model' '_struct_conn.ptnr2_label_seq_id'      
21 5 'Structure model' '_struct_conn.ptnr2_symmetry'          
22 5 'Structure model' '_struct_site.pdbx_auth_asym_id'       
23 5 'Structure model' '_struct_site.pdbx_auth_comp_id'       
24 5 'Structure model' '_struct_site.pdbx_auth_seq_id'        
# 
_pdbx_database_status.status_code                     REL 
_pdbx_database_status.entry_id                        2GJB 
_pdbx_database_status.recvd_initial_deposition_date   2006-03-30 
_pdbx_database_status.deposit_site                    RCSB 
_pdbx_database_status.process_site                    RCSB 
_pdbx_database_status.status_code_sf                  REL 
_pdbx_database_status.status_code_mr                  ? 
_pdbx_database_status.SG_entry                        ? 
_pdbx_database_status.pdb_format_compatible           Y 
_pdbx_database_status.status_code_cs                  ? 
_pdbx_database_status.methods_development_category    ? 
_pdbx_database_status.status_code_nmr_data            ? 
# 
_pdbx_database_related.db_name        PDB 
_pdbx_database_related.db_id          2GB9 
_pdbx_database_related.details        . 
_pdbx_database_related.content_type   unspecified 
# 
loop_
_audit_author.name 
_audit_author.pdbx_ordinal 
'Gan, Y.'      1 
'Cardin, C.J.' 2 
'Denny, W.A.'  3 
# 
_citation.id                        primary 
_citation.title                     
'Crosslinking of DNA duplexes: X-ray crystal structure of an unsubstituted bisacridine with oligonucleotide d(CGTACG)' 
_citation.journal_abbrev            'To be Published' 
_citation.journal_volume            ? 
_citation.page_first                ? 
_citation.page_last                 ? 
_citation.year                      ? 
_citation.journal_id_ASTM           ? 
_citation.country                   ? 
_citation.journal_id_ISSN           ? 
_citation.journal_id_CSD            0353 
_citation.book_publisher            ? 
_citation.pdbx_database_id_PubMed   ? 
_citation.pdbx_database_id_DOI      ? 
# 
loop_
_citation_author.citation_id 
_citation_author.name 
_citation_author.ordinal 
_citation_author.identifier_ORCID 
primary 'Gan, Y.'      1 ? 
primary 'Cardin, C.J.' 2 ? 
primary 'Denny, W.A.'  3 ? 
# 
loop_
_entity.id 
_entity.type 
_entity.src_method 
_entity.pdbx_description 
_entity.formula_weight 
_entity.pdbx_number_of_molecules 
_entity.pdbx_ec 
_entity.pdbx_mutation 
_entity.pdbx_fragment 
_entity.details 
1 polymer     syn "5'-D(*CP*GP*TP*AP*CP*GP*)-3'"                                       1809.217 1 ? ? ? ? 
2 non-polymer syn 'POTASSIUM ION'                                                      39.098   1 ? ? ? ? 
3 non-polymer syn "N-ACRIDIN-9-YL-N'-[3-(ACRIDIN-9-YLAMINO)PROPYL]PROPANE-1,3-DIAMINE" 485.622  1 ? ? ? ? 
4 water       nat water                                                                18.015   1 ? ? ? ? 
# 
_entity_poly.entity_id                      1 
_entity_poly.type                           polydeoxyribonucleotide 
_entity_poly.nstd_linkage                   no 
_entity_poly.nstd_monomer                   no 
_entity_poly.pdbx_seq_one_letter_code       '(DC)(DG)(DT)(DA)(DC)(DG)' 
_entity_poly.pdbx_seq_one_letter_code_can   CGTACG 
_entity_poly.pdbx_strand_id                 A 
_entity_poly.pdbx_target_identifier         ? 
# 
loop_
_pdbx_entity_nonpoly.entity_id 
_pdbx_entity_nonpoly.name 
_pdbx_entity_nonpoly.comp_id 
2 'POTASSIUM ION'                                                      K   
3 "N-ACRIDIN-9-YL-N'-[3-(ACRIDIN-9-YLAMINO)PROPYL]PROPANE-1,3-DIAMINE" BMO 
4 water                                                                HOH 
# 
loop_
_entity_poly_seq.entity_id 
_entity_poly_seq.num 
_entity_poly_seq.mon_id 
_entity_poly_seq.hetero 
1 1 DC n 
1 2 DG n 
1 3 DT n 
1 4 DA n 
1 5 DC n 
1 6 DG n 
# 
loop_
_chem_comp.id 
_chem_comp.type 
_chem_comp.mon_nstd_flag 
_chem_comp.name 
_chem_comp.pdbx_synonyms 
_chem_comp.formula 
_chem_comp.formula_weight 
BMO non-polymer   . "N-ACRIDIN-9-YL-N'-[3-(ACRIDIN-9-YLAMINO)PROPYL]PROPANE-1,3-DIAMINE" 
'1,3-PROPANEDIAMINE; N-9-ACRIDINYL-N -[3-(9-ACRIDINYLAMINO)PROPYL]' 'C32 H31 N5'      485.622 
DA  'DNA linking' y "2'-DEOXYADENOSINE-5'-MONOPHOSPHATE"                                 ? 'C10 H14 N5 O6 P' 331.222 
DC  'DNA linking' y "2'-DEOXYCYTIDINE-5'-MONOPHOSPHATE"                                  ? 'C9 H14 N3 O7 P'  307.197 
DG  'DNA linking' y "2'-DEOXYGUANOSINE-5'-MONOPHOSPHATE"                                 ? 'C10 H14 N5 O7 P' 347.221 
DT  'DNA linking' y "THYMIDINE-5'-MONOPHOSPHATE"                                         ? 'C10 H15 N2 O8 P' 322.208 
HOH non-polymer   . WATER                                                                ? 'H2 O'            18.015  
K   non-polymer   . 'POTASSIUM ION'                                                      ? 'K 1'             39.098  
# 
loop_
_pdbx_poly_seq_scheme.asym_id 
_pdbx_poly_seq_scheme.entity_id 
_pdbx_poly_seq_scheme.seq_id 
_pdbx_poly_seq_scheme.mon_id 
_pdbx_poly_seq_scheme.ndb_seq_num 
_pdbx_poly_seq_scheme.pdb_seq_num 
_pdbx_poly_seq_scheme.auth_seq_num 
_pdbx_poly_seq_scheme.pdb_mon_id 
_pdbx_poly_seq_scheme.auth_mon_id 
_pdbx_poly_seq_scheme.pdb_strand_id 
_pdbx_poly_seq_scheme.pdb_ins_code 
_pdbx_poly_seq_scheme.hetero 
A 1 1 DC 1 1 1 DC C A . n 
A 1 2 DG 2 2 2 DG G A . n 
A 1 3 DT 3 3 3 DT T A . n 
A 1 4 DA 4 4 4 DA A A . n 
A 1 5 DC 5 5 5 DC C A . n 
A 1 6 DG 6 6 6 DG G A . n 
# 
loop_
_pdbx_nonpoly_scheme.asym_id 
_pdbx_nonpoly_scheme.entity_id 
_pdbx_nonpoly_scheme.mon_id 
_pdbx_nonpoly_scheme.ndb_seq_num 
_pdbx_nonpoly_scheme.pdb_seq_num 
_pdbx_nonpoly_scheme.auth_seq_num 
_pdbx_nonpoly_scheme.pdb_mon_id 
_pdbx_nonpoly_scheme.auth_mon_id 
_pdbx_nonpoly_scheme.pdb_strand_id 
_pdbx_nonpoly_scheme.pdb_ins_code 
B 2 K   1 7 1 K   K   A . 
C 3 BMO 1 8 1 BMO MOX A . 
D 4 HOH 1 9 1 HOH HOH A . 
# 
loop_
_software.name 
_software.classification 
_software.version 
_software.citation_id 
_software.pdbx_ordinal 
REFMAC refinement        5.2.0005 ? 1 
MAR345 'data collection' .        ? 2 
MOSFLM 'data reduction'  .        ? 3 
MOLREP phasing           .        ? 4 
# 
_cell.entry_id           2GJB 
_cell.length_a           25.750 
_cell.length_b           25.750 
_cell.length_c           78.994 
_cell.angle_alpha        90.00 
_cell.angle_beta         90.00 
_cell.angle_gamma        120.00 
_cell.Z_PDB              12 
_cell.pdbx_unique_axis   ? 
_cell.length_a_esd       ? 
_cell.length_b_esd       ? 
_cell.length_c_esd       ? 
_cell.angle_alpha_esd    ? 
_cell.angle_beta_esd     ? 
_cell.angle_gamma_esd    ? 
# 
_symmetry.entry_id                         2GJB 
_symmetry.space_group_name_H-M             'P 65 2 2' 
_symmetry.pdbx_full_space_group_name_H-M   ? 
_symmetry.cell_setting                     ? 
_symmetry.Int_Tables_number                179 
_symmetry.space_group_name_Hall            ? 
# 
_exptl.entry_id          2GJB 
_exptl.method            'X-RAY DIFFRACTION' 
_exptl.crystals_number   1 
# 
_exptl_crystal.id                    1 
_exptl_crystal.density_meas          ? 
_exptl_crystal.density_Matthews      2.00 
_exptl_crystal.density_percent_sol   38.53 
_exptl_crystal.description           ? 
_exptl_crystal.F_000                 ? 
_exptl_crystal.preparation           ? 
# 
_exptl_crystal_grow.crystal_id      1 
_exptl_crystal_grow.method          'VAPOR DIFFUSION, SITTING DROP' 
_exptl_crystal_grow.temp            293 
_exptl_crystal_grow.temp_details    ? 
_exptl_crystal_grow.pH              7.0 
_exptl_crystal_grow.pdbx_details    
;The crystals grow in ten days from sitting drops containing 2mM DNA, 12mM spermine, 80mM strontium chloride, 20mM magnesium chloride, 10%MPD, pH 7.0, VAPOR DIFFUSION, SITTING DROP, temperature 293K
;
_exptl_crystal_grow.pdbx_pH_range   . 
# 
loop_
_exptl_crystal_grow_comp.crystal_id 
_exptl_crystal_grow_comp.id 
_exptl_crystal_grow_comp.sol_id 
_exptl_crystal_grow_comp.name 
_exptl_crystal_grow_comp.volume 
_exptl_crystal_grow_comp.conc 
_exptl_crystal_grow_comp.details 
1 1 1 spermine             ? ? ? 
1 2 1 'strontium chloride' ? ? ? 
1 3 1 'magnesium chloride' ? ? ? 
1 4 1 MPD                  ? ? ? 
1 5 1 H2O                  ? ? ? 
1 6 2 'strontium chloride' ? ? ? 
1 7 2 'magnesium chloride' ? ? ? 
1 8 2 MPD                  ? ? ? 
# 
_diffrn.id                     1 
_diffrn.ambient_temp           100 
_diffrn.ambient_temp_details   ? 
_diffrn.crystal_id             1 
# 
_diffrn_radiation.diffrn_id                        1 
_diffrn_radiation.wavelength_id                    1 
_diffrn_radiation.pdbx_monochromatic_or_laue_m_l   M 
_diffrn_radiation.monochromator                    ? 
_diffrn_radiation.pdbx_diffrn_protocol             'SINGLE WAVELENGTH' 
_diffrn_radiation.pdbx_scattering_type             x-ray 
# 
_diffrn_radiation_wavelength.id           1 
_diffrn_radiation_wavelength.wavelength   1.0 
_diffrn_radiation_wavelength.wt           1.0 
# 
_diffrn_source.diffrn_id                   1 
_diffrn_source.source                      SYNCHROTRON 
_diffrn_source.type                        'EMBL/DESY, HAMBURG BEAMLINE X12' 
_diffrn_source.pdbx_synchrotron_site       'EMBL/DESY, HAMBURG' 
_diffrn_source.pdbx_synchrotron_beamline   X12 
_diffrn_source.pdbx_wavelength             ? 
_diffrn_source.pdbx_wavelength_list        1.0 
# 
_reflns.entry_id                     2GJB 
_reflns.observed_criterion_sigma_I   2 
_reflns.observed_criterion_sigma_F   2 
_reflns.d_resolution_low             22.3 
_reflns.d_resolution_high            1.9 
_reflns.number_obs                   1472 
_reflns.number_all                   ? 
_reflns.percent_possible_obs         99.3 
_reflns.pdbx_Rmerge_I_obs            0.038 
_reflns.pdbx_Rsym_value              ? 
_reflns.pdbx_netI_over_sigmaI        49.4 
_reflns.B_iso_Wilson_estimate        57.431 
_reflns.pdbx_redundancy              20.1 
_reflns.R_free_details               ? 
_reflns.pdbx_chi_squared             ? 
_reflns.pdbx_scaling_rejects         ? 
_reflns.pdbx_diffrn_id               1 
_reflns.pdbx_ordinal                 1 
# 
_reflns_shell.d_res_high             1.9 
_reflns_shell.d_res_low              2 
_reflns_shell.percent_possible_all   100 
_reflns_shell.Rmerge_I_obs           0.312 
_reflns_shell.pdbx_Rsym_value        ? 
_reflns_shell.meanI_over_sigI_obs    9 
_reflns_shell.pdbx_redundancy        15.3 
_reflns_shell.percent_possible_obs   ? 
_reflns_shell.number_unique_all      204 
_reflns_shell.number_measured_all    ? 
_reflns_shell.number_measured_obs    ? 
_reflns_shell.number_unique_obs      ? 
_reflns_shell.pdbx_chi_squared       ? 
_reflns_shell.pdbx_diffrn_id         ? 
_reflns_shell.pdbx_ordinal           1 
# 
_refine.entry_id                                 2GJB 
_refine.ls_number_reflns_obs                     890 
_refine.ls_number_reflns_all                     ? 
_refine.pdbx_ls_sigma_I                          ? 
_refine.pdbx_ls_sigma_F                          ? 
_refine.pdbx_data_cutoff_high_absF               ? 
_refine.pdbx_data_cutoff_low_absF                ? 
_refine.pdbx_data_cutoff_high_rms_absF           ? 
_refine.ls_d_res_low                             8.00 
_refine.ls_d_res_high                            2.20 
_refine.ls_percent_reflns_obs                    99.36 
_refine.ls_R_factor_obs                          0.27223 
_refine.ls_R_factor_all                          0.358 
_refine.ls_R_factor_R_work                       0.27002 
_refine.ls_R_factor_R_free                       0.30508 
_refine.ls_R_factor_R_free_error                 ? 
_refine.ls_R_factor_R_free_error_details         ? 
_refine.ls_percent_reflns_R_free                 4.8 
_refine.ls_number_reflns_R_free                  45 
_refine.ls_number_parameters                     ? 
_refine.ls_number_restraints                     ? 
_refine.occupancy_min                            ? 
_refine.occupancy_max                            ? 
_refine.correlation_coeff_Fo_to_Fc               0.943 
_refine.correlation_coeff_Fo_to_Fc_free          0.960 
_refine.B_iso_mean                               37.613 
_refine.aniso_B[1][1]                            2.09 
_refine.aniso_B[2][2]                            2.09 
_refine.aniso_B[3][3]                            -3.14 
_refine.aniso_B[1][2]                            1.05 
_refine.aniso_B[1][3]                            0.00 
_refine.aniso_B[2][3]                            0.00 
_refine.solvent_model_details                    MASK 
_refine.solvent_model_param_ksol                 ? 
_refine.solvent_model_param_bsol                 ? 
_refine.pdbx_solvent_vdw_probe_radii             1.20 
_refine.pdbx_solvent_ion_probe_radii             0.80 
_refine.pdbx_solvent_shrinkage_radii             0.80 
_refine.pdbx_ls_cross_valid_method               THROUGHOUT 
_refine.details                                  'HYDROGENS HAVE BEEN ADDED IN THE RIDING POSITIONS' 
_refine.pdbx_starting_model                      'NDB ENTRY DD0018' 
_refine.pdbx_method_to_determine_struct          'MOLECULAR REPLACEMENT' 
_refine.pdbx_isotropic_thermal_model             ? 
_refine.pdbx_stereochemistry_target_values       'MAXIMUM LIKELIHOOD' 
_refine.pdbx_stereochem_target_val_spec_case     ? 
_refine.pdbx_R_Free_selection_details            RANDOM 
_refine.pdbx_overall_ESU_R                       0.398 
_refine.pdbx_overall_ESU_R_Free                  0.272 
_refine.overall_SU_ML                            0.150 
_refine.overall_SU_B                             5.648 
_refine.ls_redundancy_reflns_obs                 ? 
_refine.overall_SU_R_Cruickshank_DPI             ? 
_refine.overall_SU_R_free                        ? 
_refine.ls_wR_factor_R_free                      ? 
_refine.ls_wR_factor_R_work                      ? 
_refine.overall_FOM_free_R_set                   ? 
_refine.overall_FOM_work_R_set                   ? 
_refine.pdbx_refine_id                           'X-RAY DIFFRACTION' 
_refine.pdbx_diffrn_id                           1 
_refine.pdbx_TLS_residual_ADP_flag               ? 
_refine.pdbx_overall_phase_error                 ? 
_refine.pdbx_overall_SU_R_free_Cruickshank_DPI   ? 
_refine.pdbx_overall_SU_R_Blow_DPI               ? 
_refine.pdbx_overall_SU_R_free_Blow_DPI          ? 
# 
_refine_hist.pdbx_refine_id                   'X-RAY DIFFRACTION' 
_refine_hist.cycle_id                         LAST 
_refine_hist.pdbx_number_atoms_protein        0 
_refine_hist.pdbx_number_atoms_nucleic_acid   120 
_refine_hist.pdbx_number_atoms_ligand         20 
_refine_hist.number_atoms_solvent             1 
_refine_hist.number_atoms_total               141 
_refine_hist.d_res_high                       2.20 
_refine_hist.d_res_low                        8.00 
# 
loop_
_refine_ls_restr.type 
_refine_ls_restr.dev_ideal 
_refine_ls_restr.dev_ideal_target 
_refine_ls_restr.weight 
_refine_ls_restr.number 
_refine_ls_restr.pdbx_refine_id 
_refine_ls_restr.pdbx_restraint_function 
r_bond_refined_d         0.022 0.021 ? 155 'X-RAY DIFFRACTION' ? 
r_angle_refined_deg      3.391 2.996 ? 233 'X-RAY DIFFRACTION' ? 
r_chiral_restr           0.165 0.200 ? 23  'X-RAY DIFFRACTION' ? 
r_gen_planes_refined     0.017 0.020 ? 77  'X-RAY DIFFRACTION' ? 
r_nbd_refined            0.274 0.200 ? 27  'X-RAY DIFFRACTION' ? 
r_nbtor_refined          0.371 0.200 ? 85  'X-RAY DIFFRACTION' ? 
r_symmetry_vdw_refined   0.322 0.200 ? 36  'X-RAY DIFFRACTION' ? 
r_symmetry_hbond_refined 0.216 0.200 ? 5   'X-RAY DIFFRACTION' ? 
r_scbond_it              3.483 3.000 ? 173 'X-RAY DIFFRACTION' ? 
r_scangle_it             5.224 4.500 ? 233 'X-RAY DIFFRACTION' ? 
# 
_refine_ls_shell.pdbx_total_number_of_bins_used   20 
_refine_ls_shell.d_res_high                       2.200 
_refine_ls_shell.d_res_low                        2.253 
_refine_ls_shell.number_reflns_R_work             58 
_refine_ls_shell.R_factor_R_work                  0.367 
_refine_ls_shell.percent_reflns_obs               100.00 
_refine_ls_shell.R_factor_R_free                  0.583 
_refine_ls_shell.R_factor_R_free_error            ? 
_refine_ls_shell.percent_reflns_R_free            ? 
_refine_ls_shell.number_reflns_R_free             4 
_refine_ls_shell.number_reflns_all                ? 
_refine_ls_shell.R_factor_all                     ? 
_refine_ls_shell.number_reflns_obs                ? 
_refine_ls_shell.redundancy_reflns_obs            ? 
_refine_ls_shell.pdbx_refine_id                   'X-RAY DIFFRACTION' 
# 
_struct.entry_id                  2GJB 
_struct.title                     
'Crosslinking of DNA duplexes: X-ray crystal structure of an unsubstituted bisacridine with the oligonucleotide d(CGTACG)' 
_struct.pdbx_model_details        ? 
_struct.pdbx_CASP_flag            ? 
_struct.pdbx_model_type_details   ? 
# 
_struct_keywords.entry_id        2GJB 
_struct_keywords.pdbx_keywords   DNA 
_struct_keywords.text            'DNA duplex, bis-intercalator, DNA' 
# 
loop_
_struct_asym.id 
_struct_asym.pdbx_blank_PDB_chainid_flag 
_struct_asym.pdbx_modified 
_struct_asym.entity_id 
_struct_asym.details 
A N N 1 ? 
B N N 2 ? 
C N N 3 ? 
D N N 4 ? 
# 
_struct_ref.id                         1 
_struct_ref.entity_id                  1 
_struct_ref.db_name                    PDB 
_struct_ref.db_code                    2GJB 
_struct_ref.pdbx_db_accession          2GJB 
_struct_ref.pdbx_db_isoform            ? 
_struct_ref.pdbx_seq_one_letter_code   ? 
_struct_ref.pdbx_align_begin           ? 
# 
_struct_ref_seq.align_id                      1 
_struct_ref_seq.ref_id                        1 
_struct_ref_seq.pdbx_PDB_id_code              2GJB 
_struct_ref_seq.pdbx_strand_id                A 
_struct_ref_seq.seq_align_beg                 1 
_struct_ref_seq.pdbx_seq_align_beg_ins_code   ? 
_struct_ref_seq.seq_align_end                 6 
_struct_ref_seq.pdbx_seq_align_end_ins_code   ? 
_struct_ref_seq.pdbx_db_accession             2GJB 
_struct_ref_seq.db_align_beg                  1 
_struct_ref_seq.pdbx_db_align_beg_ins_code    ? 
_struct_ref_seq.db_align_end                  6 
_struct_ref_seq.pdbx_db_align_end_ins_code    ? 
_struct_ref_seq.pdbx_auth_seq_align_beg       1 
_struct_ref_seq.pdbx_auth_seq_align_end       6 
# 
_pdbx_struct_assembly.id                   1 
_pdbx_struct_assembly.details              author_defined_assembly 
_pdbx_struct_assembly.method_details       ? 
_pdbx_struct_assembly.oligomeric_details   dimeric 
_pdbx_struct_assembly.oligomeric_count     2 
# 
_pdbx_struct_assembly_gen.assembly_id       1 
_pdbx_struct_assembly_gen.oper_expression   1,2 
_pdbx_struct_assembly_gen.asym_id_list      A,B,C,D 
# 
loop_
_pdbx_struct_oper_list.id 
_pdbx_struct_oper_list.type 
_pdbx_struct_oper_list.name 
_pdbx_struct_oper_list.symmetry_operation 
_pdbx_struct_oper_list.matrix[1][1] 
_pdbx_struct_oper_list.matrix[1][2] 
_pdbx_struct_oper_list.matrix[1][3] 
_pdbx_struct_oper_list.vector[1] 
_pdbx_struct_oper_list.matrix[2][1] 
_pdbx_struct_oper_list.matrix[2][2] 
_pdbx_struct_oper_list.matrix[2][3] 
_pdbx_struct_oper_list.vector[2] 
_pdbx_struct_oper_list.matrix[3][1] 
_pdbx_struct_oper_list.matrix[3][2] 
_pdbx_struct_oper_list.matrix[3][3] 
_pdbx_struct_oper_list.vector[3] 
1 'identity operation'         1_555  x,y,z        1.0000000000  0.0000000000  0.0000000000  0.0000000000 0.0000000000  1.0000000000 0.0000000000 0.0000000000  0.0000000000  0.0000000000 1.0000000000  0.0000000000 
2 'crystal symmetry operation' 10_555 -y,-x,-z+1/6 -0.9151200003 -0.3326550811 -0.2278068965 4.5112242435 -0.3326550811 0.3037158737 0.8928030382 -0.8835944359 -0.2278068965 0.8928030382 -0.3885958734 2.9711343324 
# 
_struct_biol.id                    1 
_struct_biol.details               
;The second part of the biological assembly is generated 
by the two fold axis
;
_struct_biol.pdbx_parent_biol_id   ? 
# 
loop_
_struct_conn.id 
_struct_conn.conn_type_id 
_struct_conn.pdbx_leaving_atom_flag 
_struct_conn.pdbx_PDB_id 
_struct_conn.ptnr1_label_asym_id 
_struct_conn.ptnr1_label_comp_id 
_struct_conn.ptnr1_label_seq_id 
_struct_conn.ptnr1_label_atom_id 
_struct_conn.pdbx_ptnr1_label_alt_id 
_struct_conn.pdbx_ptnr1_PDB_ins_code 
_struct_conn.pdbx_ptnr1_standard_comp_id 
_struct_conn.ptnr1_symmetry 
_struct_conn.ptnr2_label_asym_id 
_struct_conn.ptnr2_label_comp_id 
_struct_conn.ptnr2_label_seq_id 
_struct_conn.ptnr2_label_atom_id 
_struct_conn.pdbx_ptnr2_label_alt_id 
_struct_conn.pdbx_ptnr2_PDB_ins_code 
_struct_conn.ptnr1_auth_asym_id 
_struct_conn.ptnr1_auth_comp_id 
_struct_conn.ptnr1_auth_seq_id 
_struct_conn.ptnr2_auth_asym_id 
_struct_conn.ptnr2_auth_comp_id 
_struct_conn.ptnr2_auth_seq_id 
_struct_conn.ptnr2_symmetry 
_struct_conn.pdbx_ptnr3_label_atom_id 
_struct_conn.pdbx_ptnr3_label_seq_id 
_struct_conn.pdbx_ptnr3_label_comp_id 
_struct_conn.pdbx_ptnr3_label_asym_id 
_struct_conn.pdbx_ptnr3_label_alt_id 
_struct_conn.pdbx_ptnr3_PDB_ins_code 
_struct_conn.details 
_struct_conn.pdbx_dist_value 
_struct_conn.pdbx_value_order 
_struct_conn.pdbx_role 
covale1  covale none ? C BMO . N17 ? ? ? 1_555  C BMO . C19 ? ? A BMO 8 A BMO 8 11_655 ? ? ? ? ? ? ?            1.607 ? ? 
metalc1  metalc ?    ? A DT  3 O4  ? ? ? 10_555 B K   . K   ? ? A DT  3 A K   7 1_555  ? ? ? ? ? ? ?            2.867 ? ? 
hydrog1  hydrog ?    ? A DC  1 N3  ? ? ? 1_555  A DG  6 N1  ? ? A DC  1 A DG  6 10_555 ? ? ? ? ? ? WATSON-CRICK ?     ? ? 
hydrog2  hydrog ?    ? A DC  1 N4  ? ? ? 1_555  A DG  6 O6  ? ? A DC  1 A DG  6 10_555 ? ? ? ? ? ? WATSON-CRICK ?     ? ? 
hydrog3  hydrog ?    ? A DC  1 O2  ? ? ? 1_555  A DG  6 N2  ? ? A DC  1 A DG  6 10_555 ? ? ? ? ? ? WATSON-CRICK ?     ? ? 
hydrog4  hydrog ?    ? A DG  2 N1  ? ? ? 1_555  A DC  5 N3  ? ? A DG  2 A DC  5 10_555 ? ? ? ? ? ? WATSON-CRICK ?     ? ? 
hydrog5  hydrog ?    ? A DG  2 N2  ? ? ? 1_555  A DC  5 O2  ? ? A DG  2 A DC  5 10_555 ? ? ? ? ? ? WATSON-CRICK ?     ? ? 
hydrog6  hydrog ?    ? A DG  2 O6  ? ? ? 1_555  A DC  5 N4  ? ? A DG  2 A DC  5 10_555 ? ? ? ? ? ? WATSON-CRICK ?     ? ? 
hydrog7  hydrog ?    ? A DT  3 N3  ? ? ? 1_555  A DA  4 N1  ? ? A DT  3 A DA  4 10_555 ? ? ? ? ? ? WATSON-CRICK ?     ? ? 
hydrog8  hydrog ?    ? A DT  3 O4  ? ? ? 1_555  A DA  4 N6  ? ? A DT  3 A DA  4 10_555 ? ? ? ? ? ? WATSON-CRICK ?     ? ? 
hydrog9  hydrog ?    ? A DA  4 N1  ? ? ? 1_555  A DT  3 N3  ? ? A DA  4 A DT  3 10_555 ? ? ? ? ? ? WATSON-CRICK ?     ? ? 
hydrog10 hydrog ?    ? A DA  4 N6  ? ? ? 1_555  A DT  3 O4  ? ? A DA  4 A DT  3 10_555 ? ? ? ? ? ? WATSON-CRICK ?     ? ? 
hydrog11 hydrog ?    ? A DC  5 N3  ? ? ? 1_555  A DG  2 N1  ? ? A DC  5 A DG  2 10_555 ? ? ? ? ? ? WATSON-CRICK ?     ? ? 
hydrog12 hydrog ?    ? A DC  5 N4  ? ? ? 1_555  A DG  2 O6  ? ? A DC  5 A DG  2 10_555 ? ? ? ? ? ? WATSON-CRICK ?     ? ? 
hydrog13 hydrog ?    ? A DC  5 O2  ? ? ? 1_555  A DG  2 N2  ? ? A DC  5 A DG  2 10_555 ? ? ? ? ? ? WATSON-CRICK ?     ? ? 
hydrog14 hydrog ?    ? A DG  6 N1  ? ? ? 1_555  A DC  1 N3  ? ? A DG  6 A DC  1 10_555 ? ? ? ? ? ? WATSON-CRICK ?     ? ? 
hydrog15 hydrog ?    ? A DG  6 N2  ? ? ? 1_555  A DC  1 O2  ? ? A DG  6 A DC  1 10_555 ? ? ? ? ? ? WATSON-CRICK ?     ? ? 
hydrog16 hydrog ?    ? A DG  6 O6  ? ? ? 1_555  A DC  1 N4  ? ? A DG  6 A DC  1 10_555 ? ? ? ? ? ? WATSON-CRICK ?     ? ? 
# 
loop_
_struct_conn_type.id 
_struct_conn_type.criteria 
_struct_conn_type.reference 
covale ? ? 
metalc ? ? 
hydrog ? ? 
# 
loop_
_struct_site.id 
_struct_site.pdbx_evidence_code 
_struct_site.pdbx_auth_asym_id 
_struct_site.pdbx_auth_comp_id 
_struct_site.pdbx_auth_seq_id 
_struct_site.pdbx_auth_ins_code 
_struct_site.pdbx_num_residues 
_struct_site.details 
AC1 Software A K   7 ? 1 'BINDING SITE FOR RESIDUE K A 7'   
AC2 Software A BMO 8 ? 5 'BINDING SITE FOR RESIDUE BMO A 8' 
1   ?        ? ?   ? ? ? ?                                  
# 
loop_
_struct_site_gen.id 
_struct_site_gen.site_id 
_struct_site_gen.pdbx_num_res 
_struct_site_gen.label_comp_id 
_struct_site_gen.label_asym_id 
_struct_site_gen.label_seq_id 
_struct_site_gen.pdbx_auth_ins_code 
_struct_site_gen.auth_comp_id 
_struct_site_gen.auth_asym_id 
_struct_site_gen.auth_seq_id 
_struct_site_gen.label_atom_id 
_struct_site_gen.label_alt_id 
_struct_site_gen.symmetry 
_struct_site_gen.details 
1 AC1 1 DT A 3 ? DT A 3 . ? 10_555 ? 
2 AC2 5 DC A 1 ? DC A 1 . ? 1_555  ? 
3 AC2 5 DC A 1 ? DC A 1 . ? 11_655 ? 
4 AC2 5 DG A 2 ? DG A 2 . ? 1_555  ? 
5 AC2 5 DC A 5 ? DC A 5 . ? 10_555 ? 
6 AC2 5 DG A 6 ? DG A 6 . ? 10_555 ? 
# 
loop_
_pdbx_validate_rmsd_bond.id 
_pdbx_validate_rmsd_bond.PDB_model_num 
_pdbx_validate_rmsd_bond.auth_atom_id_1 
_pdbx_validate_rmsd_bond.auth_asym_id_1 
_pdbx_validate_rmsd_bond.auth_comp_id_1 
_pdbx_validate_rmsd_bond.auth_seq_id_1 
_pdbx_validate_rmsd_bond.PDB_ins_code_1 
_pdbx_validate_rmsd_bond.label_alt_id_1 
_pdbx_validate_rmsd_bond.auth_atom_id_2 
_pdbx_validate_rmsd_bond.auth_asym_id_2 
_pdbx_validate_rmsd_bond.auth_comp_id_2 
_pdbx_validate_rmsd_bond.auth_seq_id_2 
_pdbx_validate_rmsd_bond.PDB_ins_code_2 
_pdbx_validate_rmsd_bond.label_alt_id_2 
_pdbx_validate_rmsd_bond.bond_value 
_pdbx_validate_rmsd_bond.bond_target_value 
_pdbx_validate_rmsd_bond.bond_deviation 
_pdbx_validate_rmsd_bond.bond_standard_deviation 
_pdbx_validate_rmsd_bond.linker_flag 
1 1 "O3'" A DT 3 ? ? "C3'" A DT 3 ? ? 1.351 1.419 -0.068 0.006 N 
2 1 "C1'" A DT 3 ? ? N1    A DT 3 ? ? 1.585 1.488 0.097  0.013 N 
3 1 C2    A DC 5 ? ? N3    A DC 5 ? ? 1.305 1.353 -0.048 0.008 N 
# 
loop_
_pdbx_validate_rmsd_angle.id 
_pdbx_validate_rmsd_angle.PDB_model_num 
_pdbx_validate_rmsd_angle.auth_atom_id_1 
_pdbx_validate_rmsd_angle.auth_asym_id_1 
_pdbx_validate_rmsd_angle.auth_comp_id_1 
_pdbx_validate_rmsd_angle.auth_seq_id_1 
_pdbx_validate_rmsd_angle.PDB_ins_code_1 
_pdbx_validate_rmsd_angle.label_alt_id_1 
_pdbx_validate_rmsd_angle.auth_atom_id_2 
_pdbx_validate_rmsd_angle.auth_asym_id_2 
_pdbx_validate_rmsd_angle.auth_comp_id_2 
_pdbx_validate_rmsd_angle.auth_seq_id_2 
_pdbx_validate_rmsd_angle.PDB_ins_code_2 
_pdbx_validate_rmsd_angle.label_alt_id_2 
_pdbx_validate_rmsd_angle.auth_atom_id_3 
_pdbx_validate_rmsd_angle.auth_asym_id_3 
_pdbx_validate_rmsd_angle.auth_comp_id_3 
_pdbx_validate_rmsd_angle.auth_seq_id_3 
_pdbx_validate_rmsd_angle.PDB_ins_code_3 
_pdbx_validate_rmsd_angle.label_alt_id_3 
_pdbx_validate_rmsd_angle.angle_value 
_pdbx_validate_rmsd_angle.angle_target_value 
_pdbx_validate_rmsd_angle.angle_deviation 
_pdbx_validate_rmsd_angle.angle_standard_deviation 
_pdbx_validate_rmsd_angle.linker_flag 
1  1 "O4'" A DG 2 ? ? "C1'" A DG 2 ? ? N9    A DG 2 ? ? 112.50 108.30 4.20   0.30 N 
2  1 "C3'" A DG 2 ? ? "O3'" A DG 2 ? ? P     A DT 3 ? ? 134.49 119.70 14.79  1.20 Y 
3  1 "O3'" A DG 2 ? ? P     A DT 3 ? ? "O5'" A DT 3 ? ? 86.37  104.00 -17.63 1.90 Y 
4  1 "O5'" A DT 3 ? ? "C5'" A DT 3 ? ? "C4'" A DT 3 ? ? 104.22 109.40 -5.18  0.80 N 
5  1 "O4'" A DT 3 ? ? "C1'" A DT 3 ? ? "C2'" A DT 3 ? ? 101.02 105.90 -4.88  0.80 N 
6  1 N1    A DT 3 ? ? C2    A DT 3 ? ? O2    A DT 3 ? ? 129.30 123.10 6.20   0.80 N 
7  1 N3    A DT 3 ? ? C2    A DT 3 ? ? O2    A DT 3 ? ? 118.58 122.30 -3.72  0.60 N 
8  1 "O5'" A DA 4 ? ? P     A DA 4 ? ? OP2   A DA 4 ? ? 118.22 110.70 7.52   1.20 N 
9  1 "O4'" A DA 4 ? ? "C1'" A DA 4 ? ? N9    A DA 4 ? ? 100.10 108.00 -7.90  0.70 N 
10 1 "C1'" A DC 5 ? ? "O4'" A DC 5 ? ? "C4'" A DC 5 ? ? 103.49 110.10 -6.61  1.00 N 
11 1 "O4'" A DC 5 ? ? "C1'" A DC 5 ? ? "C2'" A DC 5 ? ? 110.35 106.80 3.55   0.50 N 
12 1 "O4'" A DC 5 ? ? "C1'" A DC 5 ? ? N1    A DC 5 ? ? 111.00 108.30 2.70   0.30 N 
13 1 C6    A DC 5 ? ? N1    A DC 5 ? ? C2    A DC 5 ? ? 123.23 120.30 2.93   0.40 N 
14 1 N3    A DC 5 ? ? C4    A DC 5 ? ? N4    A DC 5 ? ? 113.38 118.00 -4.62  0.70 N 
15 1 "O4'" A DG 6 ? ? "C4'" A DG 6 ? ? "C3'" A DG 6 ? ? 101.13 104.50 -3.37  0.40 N 
16 1 "O4'" A DG 6 ? ? "C1'" A DG 6 ? ? N9    A DG 6 ? ? 110.60 108.30 2.30   0.30 N 
17 1 N3    A DG 6 ? ? C2    A DG 6 ? ? N2    A DG 6 ? ? 115.20 119.90 -4.70  0.70 N 
18 1 N1    A DG 6 ? ? C6    A DG 6 ? ? O6    A DG 6 ? ? 123.60 119.90 3.70   0.60 N 
19 1 C5    A DG 6 ? ? C6    A DG 6 ? ? O6    A DG 6 ? ? 124.12 128.60 -4.48  0.60 N 
# 
_struct_site_keywords.site_id   1 
_struct_site_keywords.text      bis-intercalation 
# 
_pdbx_struct_special_symmetry.id              1 
_pdbx_struct_special_symmetry.PDB_model_num   1 
_pdbx_struct_special_symmetry.auth_asym_id    A 
_pdbx_struct_special_symmetry.auth_comp_id    BMO 
_pdbx_struct_special_symmetry.auth_seq_id     8 
_pdbx_struct_special_symmetry.PDB_ins_code    ? 
_pdbx_struct_special_symmetry.label_asym_id   C 
_pdbx_struct_special_symmetry.label_comp_id   BMO 
_pdbx_struct_special_symmetry.label_seq_id    . 
# 
loop_
_chem_comp_atom.comp_id 
_chem_comp_atom.atom_id 
_chem_comp_atom.type_symbol 
_chem_comp_atom.pdbx_aromatic_flag 
_chem_comp_atom.pdbx_stereo_config 
_chem_comp_atom.pdbx_ordinal 
BMO N17    N N N 1   
BMO C19    C N N 2   
BMO C36    C N N 3   
BMO C22    C N N 4   
BMO N20    N N N 5   
BMO C21    C Y N 6   
BMO C27    C Y N 7   
BMO C26    C Y N 8   
BMO C25    C Y N 9   
BMO C24    C Y N 10  
BMO C23    C Y N 11  
BMO C28    C Y N 12  
BMO N29    N Y N 13  
BMO C31    C Y N 14  
BMO C30    C Y N 15  
BMO C34    C Y N 16  
BMO C35    C Y N 17  
BMO C32    C Y N 18  
BMO C33    C Y N 19  
BMO C1     C N N 20  
BMO C2     C N N 21  
BMO C3     C N N 22  
BMO N1     N N N 23  
BMO C4     C Y N 24  
BMO C5     C Y N 25  
BMO C6     C Y N 26  
BMO C7     C Y N 27  
BMO C8     C Y N 28  
BMO C9     C Y N 29  
BMO C10    C Y N 30  
BMO N2     N Y N 31  
BMO C11    C Y N 32  
BMO C12    C Y N 33  
BMO C13    C Y N 34  
BMO C14    C Y N 35  
BMO C15    C Y N 36  
BMO C16    C Y N 37  
BMO H171   H N N 38  
BMO H191   H N N 39  
BMO H192   H N N 40  
BMO H361   H N N 41  
BMO H362   H N N 42  
BMO H221   H N N 43  
BMO H222   H N N 44  
BMO HN20   H N N 45  
BMO H26    H N N 46  
BMO H25    H N N 47  
BMO H24    H N N 48  
BMO H23    H N N 49  
BMO H34    H N N 50  
BMO H35    H N N 51  
BMO H32    H N N 52  
BMO H33    H N N 53  
BMO H11    H N N 54  
BMO H12A   H N N 55  
BMO H21    H N N 56  
BMO H22    H N N 57  
BMO H31    H N N 58  
BMO H32A   H N N 59  
BMO HN1    H N N 60  
BMO H6     H N N 61  
BMO H7     H N N 62  
BMO H8     H N N 63  
BMO H9     H N N 64  
BMO H12    H N N 65  
BMO H13    H N N 66  
BMO H14    H N N 67  
BMO H15    H N N 68  
DA  OP3    O N N 69  
DA  P      P N N 70  
DA  OP1    O N N 71  
DA  OP2    O N N 72  
DA  "O5'"  O N N 73  
DA  "C5'"  C N N 74  
DA  "C4'"  C N R 75  
DA  "O4'"  O N N 76  
DA  "C3'"  C N S 77  
DA  "O3'"  O N N 78  
DA  "C2'"  C N N 79  
DA  "C1'"  C N R 80  
DA  N9     N Y N 81  
DA  C8     C Y N 82  
DA  N7     N Y N 83  
DA  C5     C Y N 84  
DA  C6     C Y N 85  
DA  N6     N N N 86  
DA  N1     N Y N 87  
DA  C2     C Y N 88  
DA  N3     N Y N 89  
DA  C4     C Y N 90  
DA  HOP3   H N N 91  
DA  HOP2   H N N 92  
DA  "H5'"  H N N 93  
DA  "H5''" H N N 94  
DA  "H4'"  H N N 95  
DA  "H3'"  H N N 96  
DA  "HO3'" H N N 97  
DA  "H2'"  H N N 98  
DA  "H2''" H N N 99  
DA  "H1'"  H N N 100 
DA  H8     H N N 101 
DA  H61    H N N 102 
DA  H62    H N N 103 
DA  H2     H N N 104 
DC  OP3    O N N 105 
DC  P      P N N 106 
DC  OP1    O N N 107 
DC  OP2    O N N 108 
DC  "O5'"  O N N 109 
DC  "C5'"  C N N 110 
DC  "C4'"  C N R 111 
DC  "O4'"  O N N 112 
DC  "C3'"  C N S 113 
DC  "O3'"  O N N 114 
DC  "C2'"  C N N 115 
DC  "C1'"  C N R 116 
DC  N1     N N N 117 
DC  C2     C N N 118 
DC  O2     O N N 119 
DC  N3     N N N 120 
DC  C4     C N N 121 
DC  N4     N N N 122 
DC  C5     C N N 123 
DC  C6     C N N 124 
DC  HOP3   H N N 125 
DC  HOP2   H N N 126 
DC  "H5'"  H N N 127 
DC  "H5''" H N N 128 
DC  "H4'"  H N N 129 
DC  "H3'"  H N N 130 
DC  "HO3'" H N N 131 
DC  "H2'"  H N N 132 
DC  "H2''" H N N 133 
DC  "H1'"  H N N 134 
DC  H41    H N N 135 
DC  H42    H N N 136 
DC  H5     H N N 137 
DC  H6     H N N 138 
DG  OP3    O N N 139 
DG  P      P N N 140 
DG  OP1    O N N 141 
DG  OP2    O N N 142 
DG  "O5'"  O N N 143 
DG  "C5'"  C N N 144 
DG  "C4'"  C N R 145 
DG  "O4'"  O N N 146 
DG  "C3'"  C N S 147 
DG  "O3'"  O N N 148 
DG  "C2'"  C N N 149 
DG  "C1'"  C N R 150 
DG  N9     N Y N 151 
DG  C8     C Y N 152 
DG  N7     N Y N 153 
DG  C5     C Y N 154 
DG  C6     C N N 155 
DG  O6     O N N 156 
DG  N1     N N N 157 
DG  C2     C N N 158 
DG  N2     N N N 159 
DG  N3     N N N 160 
DG  C4     C Y N 161 
DG  HOP3   H N N 162 
DG  HOP2   H N N 163 
DG  "H5'"  H N N 164 
DG  "H5''" H N N 165 
DG  "H4'"  H N N 166 
DG  "H3'"  H N N 167 
DG  "HO3'" H N N 168 
DG  "H2'"  H N N 169 
DG  "H2''" H N N 170 
DG  "H1'"  H N N 171 
DG  H8     H N N 172 
DG  H1     H N N 173 
DG  H21    H N N 174 
DG  H22    H N N 175 
DT  OP3    O N N 176 
DT  P      P N N 177 
DT  OP1    O N N 178 
DT  OP2    O N N 179 
DT  "O5'"  O N N 180 
DT  "C5'"  C N N 181 
DT  "C4'"  C N R 182 
DT  "O4'"  O N N 183 
DT  "C3'"  C N S 184 
DT  "O3'"  O N N 185 
DT  "C2'"  C N N 186 
DT  "C1'"  C N R 187 
DT  N1     N N N 188 
DT  C2     C N N 189 
DT  O2     O N N 190 
DT  N3     N N N 191 
DT  C4     C N N 192 
DT  O4     O N N 193 
DT  C5     C N N 194 
DT  C7     C N N 195 
DT  C6     C N N 196 
DT  HOP3   H N N 197 
DT  HOP2   H N N 198 
DT  "H5'"  H N N 199 
DT  "H5''" H N N 200 
DT  "H4'"  H N N 201 
DT  "H3'"  H N N 202 
DT  "HO3'" H N N 203 
DT  "H2'"  H N N 204 
DT  "H2''" H N N 205 
DT  "H1'"  H N N 206 
DT  H3     H N N 207 
DT  H71    H N N 208 
DT  H72    H N N 209 
DT  H73    H N N 210 
DT  H6     H N N 211 
HOH O      O N N 212 
HOH H1     H N N 213 
HOH H2     H N N 214 
K   K      K N N 215 
# 
loop_
_chem_comp_bond.comp_id 
_chem_comp_bond.atom_id_1 
_chem_comp_bond.atom_id_2 
_chem_comp_bond.value_order 
_chem_comp_bond.pdbx_aromatic_flag 
_chem_comp_bond.pdbx_stereo_config 
_chem_comp_bond.pdbx_ordinal 
BMO N17   C19    sing N N 1   
BMO N17   C1     sing N N 2   
BMO N17   H171   sing N N 3   
BMO C19   C36    sing N N 4   
BMO C19   H191   sing N N 5   
BMO C19   H192   sing N N 6   
BMO C36   C22    sing N N 7   
BMO C36   H361   sing N N 8   
BMO C36   H362   sing N N 9   
BMO C22   N20    sing N N 10  
BMO C22   H221   sing N N 11  
BMO C22   H222   sing N N 12  
BMO N20   C21    sing N N 13  
BMO N20   HN20   sing N N 14  
BMO C21   C27    doub Y N 15  
BMO C21   C30    sing Y N 16  
BMO C27   C26    sing Y N 17  
BMO C27   C28    sing Y N 18  
BMO C26   C25    doub Y N 19  
BMO C26   H26    sing N N 20  
BMO C25   C24    sing Y N 21  
BMO C25   H25    sing N N 22  
BMO C24   C23    doub Y N 23  
BMO C24   H24    sing N N 24  
BMO C23   C28    sing Y N 25  
BMO C23   H23    sing N N 26  
BMO C28   N29    doub Y N 27  
BMO N29   C31    sing Y N 28  
BMO C31   C30    sing Y N 29  
BMO C31   C33    doub Y N 30  
BMO C30   C34    doub Y N 31  
BMO C34   C35    sing Y N 32  
BMO C34   H34    sing N N 33  
BMO C35   C32    doub Y N 34  
BMO C35   H35    sing N N 35  
BMO C32   C33    sing Y N 36  
BMO C32   H32    sing N N 37  
BMO C33   H33    sing N N 38  
BMO C1    C2     sing N N 39  
BMO C1    H11    sing N N 40  
BMO C1    H12A   sing N N 41  
BMO C2    C3     sing N N 42  
BMO C2    H21    sing N N 43  
BMO C2    H22    sing N N 44  
BMO C3    N1     sing N N 45  
BMO C3    H31    sing N N 46  
BMO C3    H32A   sing N N 47  
BMO N1    C4     sing N N 48  
BMO N1    HN1    sing N N 49  
BMO C4    C5     doub Y N 50  
BMO C4    C16    sing Y N 51  
BMO C5    C6     sing Y N 52  
BMO C5    C10    sing Y N 53  
BMO C6    C7     doub Y N 54  
BMO C6    H6     sing N N 55  
BMO C7    C8     sing Y N 56  
BMO C7    H7     sing N N 57  
BMO C8    C9     doub Y N 58  
BMO C8    H8     sing N N 59  
BMO C9    C10    sing Y N 60  
BMO C9    H9     sing N N 61  
BMO C10   N2     doub Y N 62  
BMO N2    C11    sing Y N 63  
BMO C11   C12    doub Y N 64  
BMO C11   C16    sing Y N 65  
BMO C12   C13    sing Y N 66  
BMO C12   H12    sing N N 67  
BMO C13   C14    doub Y N 68  
BMO C13   H13    sing N N 69  
BMO C14   C15    sing Y N 70  
BMO C14   H14    sing N N 71  
BMO C15   C16    doub Y N 72  
BMO C15   H15    sing N N 73  
DA  OP3   P      sing N N 74  
DA  OP3   HOP3   sing N N 75  
DA  P     OP1    doub N N 76  
DA  P     OP2    sing N N 77  
DA  P     "O5'"  sing N N 78  
DA  OP2   HOP2   sing N N 79  
DA  "O5'" "C5'"  sing N N 80  
DA  "C5'" "C4'"  sing N N 81  
DA  "C5'" "H5'"  sing N N 82  
DA  "C5'" "H5''" sing N N 83  
DA  "C4'" "O4'"  sing N N 84  
DA  "C4'" "C3'"  sing N N 85  
DA  "C4'" "H4'"  sing N N 86  
DA  "O4'" "C1'"  sing N N 87  
DA  "C3'" "O3'"  sing N N 88  
DA  "C3'" "C2'"  sing N N 89  
DA  "C3'" "H3'"  sing N N 90  
DA  "O3'" "HO3'" sing N N 91  
DA  "C2'" "C1'"  sing N N 92  
DA  "C2'" "H2'"  sing N N 93  
DA  "C2'" "H2''" sing N N 94  
DA  "C1'" N9     sing N N 95  
DA  "C1'" "H1'"  sing N N 96  
DA  N9    C8     sing Y N 97  
DA  N9    C4     sing Y N 98  
DA  C8    N7     doub Y N 99  
DA  C8    H8     sing N N 100 
DA  N7    C5     sing Y N 101 
DA  C5    C6     sing Y N 102 
DA  C5    C4     doub Y N 103 
DA  C6    N6     sing N N 104 
DA  C6    N1     doub Y N 105 
DA  N6    H61    sing N N 106 
DA  N6    H62    sing N N 107 
DA  N1    C2     sing Y N 108 
DA  C2    N3     doub Y N 109 
DA  C2    H2     sing N N 110 
DA  N3    C4     sing Y N 111 
DC  OP3   P      sing N N 112 
DC  OP3   HOP3   sing N N 113 
DC  P     OP1    doub N N 114 
DC  P     OP2    sing N N 115 
DC  P     "O5'"  sing N N 116 
DC  OP2   HOP2   sing N N 117 
DC  "O5'" "C5'"  sing N N 118 
DC  "C5'" "C4'"  sing N N 119 
DC  "C5'" "H5'"  sing N N 120 
DC  "C5'" "H5''" sing N N 121 
DC  "C4'" "O4'"  sing N N 122 
DC  "C4'" "C3'"  sing N N 123 
DC  "C4'" "H4'"  sing N N 124 
DC  "O4'" "C1'"  sing N N 125 
DC  "C3'" "O3'"  sing N N 126 
DC  "C3'" "C2'"  sing N N 127 
DC  "C3'" "H3'"  sing N N 128 
DC  "O3'" "HO3'" sing N N 129 
DC  "C2'" "C1'"  sing N N 130 
DC  "C2'" "H2'"  sing N N 131 
DC  "C2'" "H2''" sing N N 132 
DC  "C1'" N1     sing N N 133 
DC  "C1'" "H1'"  sing N N 134 
DC  N1    C2     sing N N 135 
DC  N1    C6     sing N N 136 
DC  C2    O2     doub N N 137 
DC  C2    N3     sing N N 138 
DC  N3    C4     doub N N 139 
DC  C4    N4     sing N N 140 
DC  C4    C5     sing N N 141 
DC  N4    H41    sing N N 142 
DC  N4    H42    sing N N 143 
DC  C5    C6     doub N N 144 
DC  C5    H5     sing N N 145 
DC  C6    H6     sing N N 146 
DG  OP3   P      sing N N 147 
DG  OP3   HOP3   sing N N 148 
DG  P     OP1    doub N N 149 
DG  P     OP2    sing N N 150 
DG  P     "O5'"  sing N N 151 
DG  OP2   HOP2   sing N N 152 
DG  "O5'" "C5'"  sing N N 153 
DG  "C5'" "C4'"  sing N N 154 
DG  "C5'" "H5'"  sing N N 155 
DG  "C5'" "H5''" sing N N 156 
DG  "C4'" "O4'"  sing N N 157 
DG  "C4'" "C3'"  sing N N 158 
DG  "C4'" "H4'"  sing N N 159 
DG  "O4'" "C1'"  sing N N 160 
DG  "C3'" "O3'"  sing N N 161 
DG  "C3'" "C2'"  sing N N 162 
DG  "C3'" "H3'"  sing N N 163 
DG  "O3'" "HO3'" sing N N 164 
DG  "C2'" "C1'"  sing N N 165 
DG  "C2'" "H2'"  sing N N 166 
DG  "C2'" "H2''" sing N N 167 
DG  "C1'" N9     sing N N 168 
DG  "C1'" "H1'"  sing N N 169 
DG  N9    C8     sing Y N 170 
DG  N9    C4     sing Y N 171 
DG  C8    N7     doub Y N 172 
DG  C8    H8     sing N N 173 
DG  N7    C5     sing Y N 174 
DG  C5    C6     sing N N 175 
DG  C5    C4     doub Y N 176 
DG  C6    O6     doub N N 177 
DG  C6    N1     sing N N 178 
DG  N1    C2     sing N N 179 
DG  N1    H1     sing N N 180 
DG  C2    N2     sing N N 181 
DG  C2    N3     doub N N 182 
DG  N2    H21    sing N N 183 
DG  N2    H22    sing N N 184 
DG  N3    C4     sing N N 185 
DT  OP3   P      sing N N 186 
DT  OP3   HOP3   sing N N 187 
DT  P     OP1    doub N N 188 
DT  P     OP2    sing N N 189 
DT  P     "O5'"  sing N N 190 
DT  OP2   HOP2   sing N N 191 
DT  "O5'" "C5'"  sing N N 192 
DT  "C5'" "C4'"  sing N N 193 
DT  "C5'" "H5'"  sing N N 194 
DT  "C5'" "H5''" sing N N 195 
DT  "C4'" "O4'"  sing N N 196 
DT  "C4'" "C3'"  sing N N 197 
DT  "C4'" "H4'"  sing N N 198 
DT  "O4'" "C1'"  sing N N 199 
DT  "C3'" "O3'"  sing N N 200 
DT  "C3'" "C2'"  sing N N 201 
DT  "C3'" "H3'"  sing N N 202 
DT  "O3'" "HO3'" sing N N 203 
DT  "C2'" "C1'"  sing N N 204 
DT  "C2'" "H2'"  sing N N 205 
DT  "C2'" "H2''" sing N N 206 
DT  "C1'" N1     sing N N 207 
DT  "C1'" "H1'"  sing N N 208 
DT  N1    C2     sing N N 209 
DT  N1    C6     sing N N 210 
DT  C2    O2     doub N N 211 
DT  C2    N3     sing N N 212 
DT  N3    C4     sing N N 213 
DT  N3    H3     sing N N 214 
DT  C4    O4     doub N N 215 
DT  C4    C5     sing N N 216 
DT  C5    C7     sing N N 217 
DT  C5    C6     doub N N 218 
DT  C7    H71    sing N N 219 
DT  C7    H72    sing N N 220 
DT  C7    H73    sing N N 221 
DT  C6    H6     sing N N 222 
HOH O     H1     sing N N 223 
HOH O     H2     sing N N 224 
# 
_ndb_struct_conf_na.entry_id   2GJB 
_ndb_struct_conf_na.feature    'b-form double helix' 
# 
loop_
_ndb_struct_na_base_pair.model_number 
_ndb_struct_na_base_pair.i_label_asym_id 
_ndb_struct_na_base_pair.i_label_comp_id 
_ndb_struct_na_base_pair.i_label_seq_id 
_ndb_struct_na_base_pair.i_symmetry 
_ndb_struct_na_base_pair.j_label_asym_id 
_ndb_struct_na_base_pair.j_label_comp_id 
_ndb_struct_na_base_pair.j_label_seq_id 
_ndb_struct_na_base_pair.j_symmetry 
_ndb_struct_na_base_pair.shear 
_ndb_struct_na_base_pair.stretch 
_ndb_struct_na_base_pair.stagger 
_ndb_struct_na_base_pair.buckle 
_ndb_struct_na_base_pair.propeller 
_ndb_struct_na_base_pair.opening 
_ndb_struct_na_base_pair.pair_number 
_ndb_struct_na_base_pair.pair_name 
_ndb_struct_na_base_pair.i_auth_asym_id 
_ndb_struct_na_base_pair.i_auth_seq_id 
_ndb_struct_na_base_pair.i_PDB_ins_code 
_ndb_struct_na_base_pair.j_auth_asym_id 
_ndb_struct_na_base_pair.j_auth_seq_id 
_ndb_struct_na_base_pair.j_PDB_ins_code 
_ndb_struct_na_base_pair.hbond_type_28 
_ndb_struct_na_base_pair.hbond_type_12 
1 A DC 1 1_555 A DG 6 10_555 0.625  -0.539 -0.634 10.301  -3.879 -4.756 1 A_DC1:DG6_A A 1 ? A 6 ? 19 1 
1 A DG 2 1_555 A DC 5 10_555 -0.093 -0.068 0.191  -11.221 -6.709 -4.610 2 A_DG2:DC5_A A 2 ? A 5 ? 19 1 
1 A DT 3 1_555 A DA 4 10_555 -0.137 -0.079 0.268  -4.447  -3.027 1.204  3 A_DT3:DA4_A A 3 ? A 4 ? 20 1 
1 A DA 4 1_555 A DT 3 10_555 0.137  -0.079 0.268  4.447   -3.027 1.204  4 A_DA4:DT3_A A 4 ? A 3 ? 20 1 
1 A DC 5 1_555 A DG 2 10_555 0.093  -0.068 0.191  11.221  -6.709 -4.610 5 A_DC5:DG2_A A 5 ? A 2 ? 19 1 
1 A DG 6 1_555 A DC 1 10_555 -0.625 -0.539 -0.634 -10.301 -3.879 -4.756 6 A_DG6:DC1_A A 6 ? A 1 ? 19 1 
# 
loop_
_ndb_struct_na_base_pair_step.model_number 
_ndb_struct_na_base_pair_step.i_label_asym_id_1 
_ndb_struct_na_base_pair_step.i_label_comp_id_1 
_ndb_struct_na_base_pair_step.i_label_seq_id_1 
_ndb_struct_na_base_pair_step.i_symmetry_1 
_ndb_struct_na_base_pair_step.j_label_asym_id_1 
_ndb_struct_na_base_pair_step.j_label_comp_id_1 
_ndb_struct_na_base_pair_step.j_label_seq_id_1 
_ndb_struct_na_base_pair_step.j_symmetry_1 
_ndb_struct_na_base_pair_step.i_label_asym_id_2 
_ndb_struct_na_base_pair_step.i_label_comp_id_2 
_ndb_struct_na_base_pair_step.i_label_seq_id_2 
_ndb_struct_na_base_pair_step.i_symmetry_2 
_ndb_struct_na_base_pair_step.j_label_asym_id_2 
_ndb_struct_na_base_pair_step.j_label_comp_id_2 
_ndb_struct_na_base_pair_step.j_label_seq_id_2 
_ndb_struct_na_base_pair_step.j_symmetry_2 
_ndb_struct_na_base_pair_step.shift 
_ndb_struct_na_base_pair_step.slide 
_ndb_struct_na_base_pair_step.rise 
_ndb_struct_na_base_pair_step.tilt 
_ndb_struct_na_base_pair_step.roll 
_ndb_struct_na_base_pair_step.twist 
_ndb_struct_na_base_pair_step.x_displacement 
_ndb_struct_na_base_pair_step.y_displacement 
_ndb_struct_na_base_pair_step.helical_rise 
_ndb_struct_na_base_pair_step.inclination 
_ndb_struct_na_base_pair_step.tip 
_ndb_struct_na_base_pair_step.helical_twist 
_ndb_struct_na_base_pair_step.step_number 
_ndb_struct_na_base_pair_step.step_name 
_ndb_struct_na_base_pair_step.i_auth_asym_id_1 
_ndb_struct_na_base_pair_step.i_auth_seq_id_1 
_ndb_struct_na_base_pair_step.i_PDB_ins_code_1 
_ndb_struct_na_base_pair_step.j_auth_asym_id_1 
_ndb_struct_na_base_pair_step.j_auth_seq_id_1 
_ndb_struct_na_base_pair_step.j_PDB_ins_code_1 
_ndb_struct_na_base_pair_step.i_auth_asym_id_2 
_ndb_struct_na_base_pair_step.i_auth_seq_id_2 
_ndb_struct_na_base_pair_step.i_PDB_ins_code_2 
_ndb_struct_na_base_pair_step.j_auth_asym_id_2 
_ndb_struct_na_base_pair_step.j_auth_seq_id_2 
_ndb_struct_na_base_pair_step.j_PDB_ins_code_2 
1 A DC 1 1_555 A DG 6 10_555 A DG 2 1_555 A DC 5 10_555 -0.338 0.819 7.203 -11.225 -2.216 24.244 3.044  -5.728 6.606 -4.939 25.021 
26.772 1 AA_DC1DG2:DC5DG6_AA A 1 ? A 6 ? A 2 ? A 5 ? 
1 A DG 2 1_555 A DC 5 10_555 A DT 3 1_555 A DA 4 10_555 -0.349 0.195 3.288 -1.744  1.715  32.183 0.044  0.316  3.308 3.088  3.140 
32.274 2 AA_DG2DT3:DA4DC5_AA A 2 ? A 5 ? A 3 ? A 4 ? 
1 A DT 3 1_555 A DA 4 10_555 A DA 4 1_555 A DT 3 10_555 0.000  0.107 3.122 0.000   4.355  37.268 -0.379 0.000  3.114 6.786  0.000 
37.513 3 AA_DT3DA4:DT3DA4_AA A 3 ? A 4 ? A 4 ? A 3 ? 
1 A DA 4 1_555 A DT 3 10_555 A DC 5 1_555 A DG 2 10_555 0.349  0.195 3.288 1.744   1.715  32.183 0.044  -0.316 3.308 3.088  -3.140 
32.274 4 AA_DA4DC5:DG2DT3_AA A 4 ? A 3 ? A 5 ? A 2 ? 
1 A DC 5 1_555 A DG 2 10_555 A DG 6 1_555 A DC 1 10_555 0.338  0.819 7.203 11.225  -2.216 24.244 3.044  5.728  6.606 -4.939 
-25.021 26.772 5 AA_DC5DG6:DC1DG2_AA A 5 ? A 2 ? A 6 ? A 1 ? 
# 
_pdbx_initial_refinement_model.accession_code   1C9Z 
_pdbx_initial_refinement_model.id               1 
_pdbx_initial_refinement_model.entity_id_list   ? 
_pdbx_initial_refinement_model.type             'experimental model' 
_pdbx_initial_refinement_model.source_name      PDB 
_pdbx_initial_refinement_model.details          'NDB ENTRY DD0018' 
# 
_atom_sites.entry_id                    2GJB 
_atom_sites.fract_transf_matrix[1][1]   0.02649682 
_atom_sites.fract_transf_matrix[1][2]   0.01091090 
_atom_sites.fract_transf_matrix[1][3]   0.03449245 
_atom_sites.fract_transf_matrix[2][1]   0.03573456 
_atom_sites.fract_transf_matrix[2][2]   -0.02529393 
_atom_sites.fract_transf_matrix[2][3]   0.00969863 
_atom_sites.fract_transf_matrix[3][1]   0.00711132 
_atom_sites.fract_transf_matrix[3][2]   0.00709183 
_atom_sites.fract_transf_matrix[3][3]   -0.00770619 
_atom_sites.fract_transf_vector[1]      0.167490 
_atom_sites.fract_transf_vector[2]      -0.379856 
_atom_sites.fract_transf_vector[3]      0.081873 
# 
loop_
_atom_type.symbol 
C 
K 
N 
O 
P 
# 
loop_
_atom_site.group_PDB 
_atom_site.id 
_atom_site.type_symbol 
_atom_site.label_atom_id 
_atom_site.label_alt_id 
_atom_site.label_comp_id 
_atom_site.label_asym_id 
_atom_site.label_entity_id 
_atom_site.label_seq_id 
_atom_site.pdbx_PDB_ins_code 
_atom_site.Cartn_x 
_atom_site.Cartn_y 
_atom_site.Cartn_z 
_atom_site.occupancy 
_atom_site.B_iso_or_equiv 
_atom_site.pdbx_formal_charge 
_atom_site.auth_seq_id 
_atom_site.auth_comp_id 
_atom_site.auth_asym_id 
_atom_site.auth_atom_id 
_atom_site.pdbx_PDB_model_num 
ATOM   1   O "O5'" . DC  A 1 1 ? -0.357 13.980  -2.690 1.00 67.53 ? 1 DC  A "O5'" 1 
ATOM   2   C "C5'" . DC  A 1 1 ? -0.018 13.539  -4.029 1.00 65.05 ? 1 DC  A "C5'" 1 
ATOM   3   C "C4'" . DC  A 1 1 ? -0.475 12.095  -4.244 1.00 62.49 ? 1 DC  A "C4'" 1 
ATOM   4   O "O4'" . DC  A 1 1 ? 0.463  11.307  -5.044 1.00 59.71 ? 1 DC  A "O4'" 1 
ATOM   5   C "C3'" . DC  A 1 1 ? -0.760 11.323  -2.956 1.00 61.50 ? 1 DC  A "C3'" 1 
ATOM   6   O "O3'" . DC  A 1 1 ? -2.097 10.844  -3.084 1.00 58.84 ? 1 DC  A "O3'" 1 
ATOM   7   C "C2'" . DC  A 1 1 ? 0.349  10.248  -2.887 1.00 60.34 ? 1 DC  A "C2'" 1 
ATOM   8   C "C1'" . DC  A 1 1 ? 0.897  10.175  -4.325 1.00 56.22 ? 1 DC  A "C1'" 1 
ATOM   9   N N1    . DC  A 1 1 ? 2.418  10.008  -4.490 1.00 52.95 ? 1 DC  A N1    1 
ATOM   10  C C2    . DC  A 1 1 ? 2.891  9.215   -5.564 1.00 46.16 ? 1 DC  A C2    1 
ATOM   11  O O2    . DC  A 1 1 ? 2.109  8.707   -6.359 1.00 43.26 ? 1 DC  A O2    1 
ATOM   12  N N3    . DC  A 1 1 ? 4.210  9.076   -5.744 1.00 49.20 ? 1 DC  A N3    1 
ATOM   13  C C4    . DC  A 1 1 ? 5.077  9.612   -4.891 1.00 50.81 ? 1 DC  A C4    1 
ATOM   14  N N4    . DC  A 1 1 ? 6.374  9.394   -5.131 1.00 50.56 ? 1 DC  A N4    1 
ATOM   15  C C5    . DC  A 1 1 ? 4.639  10.448  -3.802 1.00 52.22 ? 1 DC  A C5    1 
ATOM   16  C C6    . DC  A 1 1 ? 3.314  10.607  -3.638 1.00 50.36 ? 1 DC  A C6    1 
ATOM   17  P P     . DG  A 1 2 ? -2.829 9.965   -1.983 1.00 59.52 ? 2 DG  A P     1 
ATOM   18  O OP1   . DG  A 1 2 ? -4.301 10.049  -2.147 1.00 59.27 ? 2 DG  A OP1   1 
ATOM   19  O OP2   . DG  A 1 2 ? -2.212 10.187  -0.626 1.00 57.15 ? 2 DG  A OP2   1 
ATOM   20  O "O5'" . DG  A 1 2 ? -2.404 8.565   -2.627 1.00 60.07 ? 2 DG  A "O5'" 1 
ATOM   21  C "C5'" . DG  A 1 2 ? -3.323 7.911   -3.572 1.00 55.99 ? 2 DG  A "C5'" 1 
ATOM   22  C "C4'" . DG  A 1 2 ? -3.424 6.432   -3.268 1.00 52.56 ? 2 DG  A "C4'" 1 
ATOM   23  O "O4'" . DG  A 1 2 ? -2.042 5.983   -3.189 1.00 49.23 ? 2 DG  A "O4'" 1 
ATOM   24  C "C3'" . DG  A 1 2 ? -4.132 5.960   -1.969 1.00 53.88 ? 2 DG  A "C3'" 1 
ATOM   25  O "O3'" . DG  A 1 2 ? -4.466 4.611   -2.050 1.00 57.06 ? 2 DG  A "O3'" 1 
ATOM   26  C "C2'" . DG  A 1 2 ? -2.944 5.955   -1.025 1.00 50.04 ? 2 DG  A "C2'" 1 
ATOM   27  C "C1'" . DG  A 1 2 ? -1.934 5.285   -1.958 1.00 46.91 ? 2 DG  A "C1'" 1 
ATOM   28  N N9    . DG  A 1 2 ? -0.559 5.263   -1.444 1.00 41.75 ? 2 DG  A N9    1 
ATOM   29  C C8    . DG  A 1 2 ? -0.051 6.082   -0.481 1.00 40.94 ? 2 DG  A C8    1 
ATOM   30  N N7    . DG  A 1 2 ? 1.188  5.838   -0.188 1.00 44.50 ? 2 DG  A N7    1 
ATOM   31  C C5    . DG  A 1 2 ? 1.507  4.742   -0.986 1.00 40.22 ? 2 DG  A C5    1 
ATOM   32  C C6    . DG  A 1 2 ? 2.729  4.025   -1.070 1.00 38.06 ? 2 DG  A C6    1 
ATOM   33  O O6    . DG  A 1 2 ? 3.788  4.246   -0.443 1.00 43.18 ? 2 DG  A O6    1 
ATOM   34  N N1    . DG  A 1 2 ? 2.661  3.017   -2.036 1.00 32.84 ? 2 DG  A N1    1 
ATOM   35  C C2    . DG  A 1 2 ? 1.527  2.701   -2.721 1.00 32.79 ? 2 DG  A C2    1 
ATOM   36  N N2    . DG  A 1 2 ? 1.662  1.701   -3.561 1.00 34.56 ? 2 DG  A N2    1 
ATOM   37  N N3    . DG  A 1 2 ? 0.354  3.354   -2.665 1.00 32.84 ? 2 DG  A N3    1 
ATOM   38  C C4    . DG  A 1 2 ? 0.436  4.379   -1.773 1.00 38.27 ? 2 DG  A C4    1 
ATOM   39  P P     . DT  A 1 3 ? -5.782 3.735   -1.658 1.00 58.99 ? 3 DT  A P     1 
ATOM   40  O OP1   . DT  A 1 3 ? -7.037 4.308   -2.234 1.00 61.00 ? 3 DT  A OP1   1 
ATOM   41  O OP2   . DT  A 1 3 ? -5.693 3.180   -0.283 1.00 51.95 ? 3 DT  A OP2   1 
ATOM   42  O "O5'" . DT  A 1 3 ? -5.286 2.689   -2.744 1.00 51.99 ? 3 DT  A "O5'" 1 
ATOM   43  C "C5'" . DT  A 1 3 ? -5.921 1.570   -3.101 1.00 48.22 ? 3 DT  A "C5'" 1 
ATOM   44  C "C4'" . DT  A 1 3 ? -4.848 0.521   -3.098 1.00 42.63 ? 3 DT  A "C4'" 1 
ATOM   45  O "O4'" . DT  A 1 3 ? -3.533 0.997   -2.608 1.00 38.38 ? 3 DT  A "O4'" 1 
ATOM   46  C "C3'" . DT  A 1 3 ? -5.273 -0.544  -2.163 1.00 42.12 ? 3 DT  A "C3'" 1 
ATOM   47  O "O3'" . DT  A 1 3 ? -5.220 -1.614  -2.986 1.00 41.09 ? 3 DT  A "O3'" 1 
ATOM   48  C "C2'" . DT  A 1 3 ? -4.114 -0.577  -1.114 1.00 39.97 ? 3 DT  A "C2'" 1 
ATOM   49  C "C1'" . DT  A 1 3 ? -2.921 0.005   -1.844 1.00 34.02 ? 3 DT  A "C1'" 1 
ATOM   50  N N1    . DT  A 1 3 ? -1.845 0.703   -0.912 1.00 32.46 ? 3 DT  A N1    1 
ATOM   51  C C2    . DT  A 1 3 ? -0.549 0.252   -0.856 1.00 27.55 ? 3 DT  A C2    1 
ATOM   52  O O2    . DT  A 1 3 ? -0.014 -0.707  -1.466 1.00 28.79 ? 3 DT  A O2    1 
ATOM   53  N N3    . DT  A 1 3 ? 0.200  0.965   0.016  1.00 33.16 ? 3 DT  A N3    1 
ATOM   54  C C4    . DT  A 1 3 ? -0.143 2.026   0.814  1.00 32.89 ? 3 DT  A C4    1 
ATOM   55  O O4    . DT  A 1 3 ? 0.686  2.590   1.498  1.00 35.21 ? 3 DT  A O4    1 
ATOM   56  C C5    . DT  A 1 3 ? -1.504 2.476   0.720  1.00 37.69 ? 3 DT  A C5    1 
ATOM   57  C C7    . DT  A 1 3 ? -2.024 3.352   1.833  1.00 35.97 ? 3 DT  A C7    1 
ATOM   58  C C6    . DT  A 1 3 ? -2.280 1.784   -0.135 1.00 34.25 ? 3 DT  A C6    1 
ATOM   59  P P     . DA  A 1 4 ? -5.725 -2.999  -2.467 1.00 44.99 ? 4 DA  A P     1 
ATOM   60  O OP1   . DA  A 1 4 ? -6.256 -3.742  -3.653 1.00 49.69 ? 4 DA  A OP1   1 
ATOM   61  O OP2   . DA  A 1 4 ? -6.638 -2.540  -1.372 1.00 47.23 ? 4 DA  A OP2   1 
ATOM   62  O "O5'" . DA  A 1 4 ? -4.466 -3.875  -2.073 1.00 45.33 ? 4 DA  A "O5'" 1 
ATOM   63  C "C5'" . DA  A 1 4 ? -3.536 -4.117  -3.090 1.00 42.09 ? 4 DA  A "C5'" 1 
ATOM   64  C "C4'" . DA  A 1 4 ? -2.397 -4.883  -2.469 1.00 46.55 ? 4 DA  A "C4'" 1 
ATOM   65  O "O4'" . DA  A 1 4 ? -1.735 -3.998  -1.529 1.00 42.48 ? 4 DA  A "O4'" 1 
ATOM   66  C "C3'" . DA  A 1 4 ? -2.951 -6.007  -1.631 1.00 46.77 ? 4 DA  A "C3'" 1 
ATOM   67  O "O3'" . DA  A 1 4 ? -2.166 -7.152  -1.915 1.00 48.66 ? 4 DA  A "O3'" 1 
ATOM   68  C "C2'" . DA  A 1 4 ? -2.791 -5.511  -0.164 1.00 41.93 ? 4 DA  A "C2'" 1 
ATOM   69  C "C1'" . DA  A 1 4 ? -1.520 -4.705  -0.299 1.00 38.13 ? 4 DA  A "C1'" 1 
ATOM   70  N N9    . DA  A 1 4 ? -1.366 -3.568  0.628  1.00 34.69 ? 4 DA  A N9    1 
ATOM   71  C C8    . DA  A 1 4 ? -2.357 -2.689  0.986  1.00 35.93 ? 4 DA  A C8    1 
ATOM   72  N N7    . DA  A 1 4 ? -1.979 -1.674  1.728  1.00 34.03 ? 4 DA  A N7    1 
ATOM   73  C C5    . DA  A 1 4 ? -0.619 -1.941  1.873  1.00 31.20 ? 4 DA  A C5    1 
ATOM   74  C C6    . DA  A 1 4 ? 0.373  -1.274  2.618  1.00 29.38 ? 4 DA  A C6    1 
ATOM   75  N N6    . DA  A 1 4 ? 0.142  -0.120  3.298  1.00 30.91 ? 4 DA  A N6    1 
ATOM   76  N N1    . DA  A 1 4 ? 1.622  -1.765  2.538  1.00 25.81 ? 4 DA  A N1    1 
ATOM   77  C C2    . DA  A 1 4 ? 1.852  -2.877  1.795  1.00 25.68 ? 4 DA  A C2    1 
ATOM   78  N N3    . DA  A 1 4 ? 0.994  -3.592  1.074  1.00 30.09 ? 4 DA  A N3    1 
ATOM   79  C C4    . DA  A 1 4 ? -0.231 -3.062  1.142  1.00 29.09 ? 4 DA  A C4    1 
ATOM   80  P P     . DC  A 1 5 ? -2.779 -8.515  -1.391 1.00 48.44 ? 5 DC  A P     1 
ATOM   81  O OP1   . DC  A 1 5 ? -2.395 -9.541  -2.393 1.00 50.29 ? 5 DC  A OP1   1 
ATOM   82  O OP2   . DC  A 1 5 ? -4.133 -8.282  -0.971 1.00 39.98 ? 5 DC  A OP2   1 
ATOM   83  O "O5'" . DC  A 1 5 ? -1.931 -8.901  -0.097 1.00 51.26 ? 5 DC  A "O5'" 1 
ATOM   84  C "C5'" . DC  A 1 5 ? -0.596 -9.406  -0.221 1.00 49.29 ? 5 DC  A "C5'" 1 
ATOM   85  C "C4'" . DC  A 1 5 ? 0.111  -9.245  1.115  1.00 45.62 ? 5 DC  A "C4'" 1 
ATOM   86  O "O4'" . DC  A 1 5 ? -0.091 -7.847  1.400  1.00 43.48 ? 5 DC  A "O4'" 1 
ATOM   87  C "C3'" . DC  A 1 5 ? -0.470 -10.045 2.274  1.00 46.73 ? 5 DC  A "C3'" 1 
ATOM   88  O "O3'" . DC  A 1 5 ? 0.264  -11.233 2.683  1.00 50.02 ? 5 DC  A "O3'" 1 
ATOM   89  C "C2'" . DC  A 1 5 ? -0.617 -9.031  3.405  1.00 43.94 ? 5 DC  A "C2'" 1 
ATOM   90  C "C1'" . DC  A 1 5 ? -0.005 -7.784  2.778  1.00 42.22 ? 5 DC  A "C1'" 1 
ATOM   91  N N1    . DC  A 1 5 ? -0.627 -6.584  3.280  1.00 36.51 ? 5 DC  A N1    1 
ATOM   92  C C2    . DC  A 1 5 ? 0.268  -5.698  3.924  1.00 29.48 ? 5 DC  A C2    1 
ATOM   93  O O2    . DC  A 1 5 ? 1.496  -5.916  3.957  1.00 26.16 ? 5 DC  A O2    1 
ATOM   94  N N3    . DC  A 1 5 ? -0.254 -4.621  4.442  1.00 22.26 ? 5 DC  A N3    1 
ATOM   95  C C4    . DC  A 1 5 ? -1.545 -4.374  4.378  1.00 25.46 ? 5 DC  A C4    1 
ATOM   96  N N4    . DC  A 1 5 ? -1.895 -3.203  4.948  1.00 25.07 ? 5 DC  A N4    1 
ATOM   97  C C5    . DC  A 1 5 ? -2.475 -5.248  3.742  1.00 27.58 ? 5 DC  A C5    1 
ATOM   98  C C6    . DC  A 1 5 ? -1.983 -6.371  3.217  1.00 34.71 ? 5 DC  A C6    1 
ATOM   99  P P     . DG  A 1 6 ? -0.563 -12.148 3.661  1.00 51.52 ? 6 DG  A P     1 
ATOM   100 O OP1   . DG  A 1 6 ? -0.262 -13.566 3.363  1.00 57.19 ? 6 DG  A OP1   1 
ATOM   101 O OP2   . DG  A 1 6 ? -1.932 -11.613 3.695  1.00 52.81 ? 6 DG  A OP2   1 
ATOM   102 O "O5'" . DG  A 1 6 ? 0.118  -11.874 5.109  1.00 54.62 ? 6 DG  A "O5'" 1 
ATOM   103 C "C5'" . DG  A 1 6 ? 1.416  -12.387 5.432  1.00 44.95 ? 6 DG  A "C5'" 1 
ATOM   104 C "C4'" . DG  A 1 6 ? 1.550  -12.494 6.929  1.00 45.37 ? 6 DG  A "C4'" 1 
ATOM   105 O "O4'" . DG  A 1 6 ? 1.367  -11.173 7.519  1.00 40.27 ? 6 DG  A "O4'" 1 
ATOM   106 C "C3'" . DG  A 1 6 ? 0.420  -13.261 7.575  1.00 44.06 ? 6 DG  A "C3'" 1 
ATOM   107 O "O3'" . DG  A 1 6 ? 0.442  -14.644 7.310  1.00 46.47 ? 6 DG  A "O3'" 1 
ATOM   108 C "C2'" . DG  A 1 6 ? 0.582  -12.830 9.023  1.00 39.89 ? 6 DG  A "C2'" 1 
ATOM   109 C "C1'" . DG  A 1 6 ? 0.918  -11.352 8.837  1.00 38.52 ? 6 DG  A "C1'" 1 
ATOM   110 N N9    . DG  A 1 6 ? -0.169 -10.405 9.148  1.00 36.33 ? 6 DG  A N9    1 
ATOM   111 C C8    . DG  A 1 6 ? -1.519 -10.525 8.930  1.00 30.86 ? 6 DG  A C8    1 
ATOM   112 N N7    . DG  A 1 6 ? -2.188 -9.499  9.346  1.00 29.18 ? 6 DG  A N7    1 
ATOM   113 C C5    . DG  A 1 6 ? -1.260 -8.677  9.929  1.00 29.77 ? 6 DG  A C5    1 
ATOM   114 C C6    . DG  A 1 6 ? -1.460 -7.401  10.553 1.00 35.80 ? 6 DG  A C6    1 
ATOM   115 O O6    . DG  A 1 6 ? -2.573 -6.851  10.680 1.00 35.62 ? 6 DG  A O6    1 
ATOM   116 N N1    . DG  A 1 6 ? -0.258 -6.828  10.989 1.00 26.25 ? 6 DG  A N1    1 
ATOM   117 C C2    . DG  A 1 6 ? 0.972  -7.475  10.847 1.00 30.64 ? 6 DG  A C2    1 
ATOM   118 N N2    . DG  A 1 6 ? 2.089  -6.864  11.303 1.00 27.33 ? 6 DG  A N2    1 
ATOM   119 N N3    . DG  A 1 6 ? 1.179  -8.664  10.205 1.00 30.60 ? 6 DG  A N3    1 
ATOM   120 C C4    . DG  A 1 6 ? -0.004 -9.199  9.802  1.00 33.20 ? 6 DG  A C4    1 
HETATM 121 K K     . K   B 2 . ? 1.203  3.342   5.325  0.50 38.85 ? 7 K   A K     1 
HETATM 122 N N17   . BMO C 3 . ? 9.896  8.520   -4.842 0.50 54.31 ? 8 BMO A N17   1 
HETATM 123 C C19   . BMO C 3 . ? 9.821  7.508   -3.599 1.00 55.79 ? 8 BMO A C19   1 
HETATM 124 C C36   . BMO C 3 . ? 8.426  7.033   -3.312 1.00 54.31 ? 8 BMO A C36   1 
HETATM 125 C C22   . BMO C 3 . ? 8.050  6.109   -4.440 1.00 51.45 ? 8 BMO A C22   1 
HETATM 126 N N20   . BMO C 3 . ? 7.106  5.160   -3.873 1.00 44.28 ? 8 BMO A N20   1 
HETATM 127 C C21   . BMO C 3 . ? 5.817  5.189   -4.160 1.00 40.78 ? 8 BMO A C21   1 
HETATM 128 C C27   . BMO C 3 . ? 5.347  4.328   -5.093 1.00 36.70 ? 8 BMO A C27   1 
HETATM 129 C C26   . BMO C 3 . ? 6.289  3.509   -5.686 1.00 37.02 ? 8 BMO A C26   1 
HETATM 130 C C25   . BMO C 3 . ? 5.849  2.641   -6.654 1.00 36.22 ? 8 BMO A C25   1 
HETATM 131 C C24   . BMO C 3 . ? 4.487  2.584   -6.949 1.00 38.70 ? 8 BMO A C24   1 
HETATM 132 C C23   . BMO C 3 . ? 3.522  3.386   -6.334 1.00 37.00 ? 8 BMO A C23   1 
HETATM 133 C C28   . BMO C 3 . ? 3.977  4.296   -5.402 1.00 38.08 ? 8 BMO A C28   1 
HETATM 134 N N29   . BMO C 3 . ? 3.103  5.103   -4.794 1.00 36.83 ? 8 BMO A N29   1 
HETATM 135 C C31   . BMO C 3 . ? 3.586  5.979   -3.882 1.00 36.51 ? 8 BMO A C31   1 
HETATM 136 C C30   . BMO C 3 . ? 4.930  6.015   -3.525 1.00 38.72 ? 8 BMO A C30   1 
HETATM 137 C C34   . BMO C 3 . ? 5.412  6.913   -2.567 1.00 41.26 ? 8 BMO A C34   1 
HETATM 138 C C35   . BMO C 3 . ? 4.508  7.790   -1.922 1.00 38.87 ? 8 BMO A C35   1 
HETATM 139 C C32   . BMO C 3 . ? 3.159  7.717   -2.257 1.00 37.29 ? 8 BMO A C32   1 
HETATM 140 C C33   . BMO C 3 . ? 2.708  6.802   -3.225 1.00 36.07 ? 8 BMO A C33   1 
HETATM 141 O O     . HOH D 4 . ? 8.180  9.201   -7.500 1.00 33.82 ? 9 HOH A O     1 
# 
